data_8OXT
#
_entry.id   8OXT
#
_cell.length_a   120.060
_cell.length_b   120.060
_cell.length_c   44.500
_cell.angle_alpha   90.000
_cell.angle_beta   90.000
_cell.angle_gamma   90.000
#
_symmetry.space_group_name_H-M   'P 41'
#
loop_
_entity.id
_entity.type
_entity.pdbx_description
1 polymer '1H-3-hydroxy-4-oxoquinaldine 2,4-dioxygenase'
2 non-polymer '2-(ACETYLAMINO)BENZOIC ACID'
3 non-polymer 'S,R MESO-TARTARIC ACID'
4 non-polymer GLYCEROL
5 non-polymer 'POTASSIUM ION'
6 water water
#
_entity_poly.entity_id   1
_entity_poly.type   'polypeptide(L)'
_entity_poly.pdbx_seq_one_letter_code
;MRGSHHHHHHGSMTDTYLHETLVFDNKLSYIDNQRDTDGPAILLLPGWCHDHRVYKYLIQELDADFRVIVPNWRGHGLSP
SEVPDFGYQEQVKDALEILDQLGVETFLPVSHSHGGWVLVELLEQAGPERAPRGIIMDWLMWAPKPDFAKSLTLLKDPER
WREGTHGLFDVWLDGHDEKRVRHHLLEEMADYGYDCWGRSGRVIEDAYGRNGSPMQMMANLTKTRPIRHIFSQPTEPEYE
KINSDFAEQHPWFSYAKLGGPTAFPAIDVPDRAAVHIREFATAIRQGQ
;
_entity_poly.pdbx_strand_id   AAA,BBB
#
# COMPACT_ATOMS: atom_id res chain seq x y z
N ASP A 15 16.49 -9.69 23.72
CA ASP A 15 15.75 -10.83 24.34
C ASP A 15 15.84 -12.04 23.39
N THR A 16 15.50 -13.23 23.90
CA THR A 16 15.87 -14.56 23.33
C THR A 16 15.02 -14.88 22.08
N TYR A 17 14.07 -14.03 21.71
CA TYR A 17 13.14 -14.23 20.56
C TYR A 17 13.33 -13.14 19.50
N LEU A 18 14.33 -12.26 19.67
CA LEU A 18 14.57 -11.11 18.78
C LEU A 18 15.38 -11.58 17.55
N HIS A 19 14.89 -11.25 16.35
CA HIS A 19 15.51 -11.58 15.04
C HIS A 19 15.59 -10.32 14.19
N GLU A 20 16.42 -10.34 13.15
CA GLU A 20 16.49 -9.28 12.10
C GLU A 20 16.39 -9.94 10.73
N THR A 21 15.73 -9.27 9.80
CA THR A 21 15.51 -9.72 8.40
C THR A 21 15.35 -8.49 7.51
N LEU A 22 15.90 -8.55 6.30
CA LEU A 22 15.62 -7.55 5.24
C LEU A 22 14.13 -7.68 4.87
N VAL A 23 13.36 -6.63 5.16
CA VAL A 23 11.96 -6.48 4.66
C VAL A 23 12.02 -5.45 3.54
N PHE A 24 11.87 -5.91 2.30
CA PHE A 24 12.03 -5.10 1.07
C PHE A 24 13.44 -4.51 1.06
N ASP A 25 13.60 -3.21 1.30
CA ASP A 25 14.92 -2.51 1.26
C ASP A 25 15.29 -2.03 2.67
N ASN A 26 14.80 -2.70 3.72
CA ASN A 26 14.92 -2.23 5.13
C ASN A 26 15.17 -3.42 6.06
N LYS A 27 16.21 -3.35 6.90
CA LYS A 27 16.48 -4.36 7.95
C LYS A 27 15.56 -4.05 9.13
N LEU A 28 14.66 -4.96 9.46
CA LEU A 28 13.70 -4.79 10.59
C LEU A 28 13.94 -5.92 11.59
N SER A 29 14.02 -5.58 12.87
CA SER A 29 13.92 -6.55 14.00
C SER A 29 12.46 -6.93 14.22
N TYR A 30 12.27 -8.11 14.82
CA TYR A 30 10.95 -8.64 15.20
C TYR A 30 11.14 -9.72 16.27
N ILE A 31 10.24 -9.77 17.26
CA ILE A 31 10.04 -10.95 18.15
C ILE A 31 9.34 -12.01 17.31
N ASP A 32 9.76 -13.26 17.50
CA ASP A 32 9.08 -14.49 17.04
C ASP A 32 9.52 -15.60 17.98
N ASN A 33 8.61 -16.07 18.85
CA ASN A 33 8.93 -17.15 19.83
C ASN A 33 8.94 -18.50 19.09
N GLN A 34 8.55 -18.51 17.82
CA GLN A 34 8.54 -19.70 16.92
C GLN A 34 7.86 -20.86 17.65
N ARG A 35 6.81 -20.59 18.43
CA ARG A 35 6.04 -21.64 19.15
C ARG A 35 5.34 -22.49 18.09
N ASP A 36 5.64 -23.79 18.05
CA ASP A 36 5.03 -24.77 17.13
C ASP A 36 3.66 -25.15 17.71
N THR A 37 2.59 -24.50 17.26
CA THR A 37 1.24 -24.62 17.88
C THR A 37 0.16 -24.24 16.87
N ASP A 38 -1.09 -24.57 17.19
CA ASP A 38 -2.33 -24.29 16.42
C ASP A 38 -2.54 -22.78 16.32
N GLY A 39 -2.97 -22.31 15.14
CA GLY A 39 -3.30 -20.89 14.87
C GLY A 39 -4.44 -20.39 15.77
N PRO A 40 -4.69 -19.06 15.81
CA PRO A 40 -3.92 -18.10 15.03
C PRO A 40 -2.60 -17.70 15.71
N ALA A 41 -1.67 -17.12 14.97
CA ALA A 41 -0.50 -16.39 15.51
C ALA A 41 -1.04 -15.14 16.21
N ILE A 42 -0.37 -14.68 17.26
CA ILE A 42 -0.74 -13.38 17.88
C ILE A 42 0.30 -12.35 17.44
N LEU A 43 -0.15 -11.33 16.72
CA LEU A 43 0.70 -10.24 16.14
C LEU A 43 0.53 -8.97 16.98
N LEU A 44 1.49 -8.70 17.85
CA LEU A 44 1.51 -7.51 18.74
C LEU A 44 2.14 -6.36 17.97
N LEU A 45 1.39 -5.27 17.77
CA LEU A 45 1.83 -4.13 16.93
C LEU A 45 2.22 -2.95 17.84
N PRO A 46 3.52 -2.62 17.94
CA PRO A 46 3.94 -1.40 18.60
C PRO A 46 3.26 -0.15 18.02
N GLY A 47 3.11 0.89 18.83
CA GLY A 47 2.86 2.27 18.36
C GLY A 47 4.10 2.93 17.80
N TRP A 48 4.04 4.25 17.64
CA TRP A 48 5.16 5.08 17.12
C TRP A 48 6.22 5.30 18.19
N CYS A 49 7.49 5.12 17.81
CA CYS A 49 8.68 5.54 18.59
C CYS A 49 8.81 4.72 19.87
N HIS A 50 8.40 3.45 19.80
CA HIS A 50 8.80 2.39 20.76
C HIS A 50 8.85 1.06 20.01
N ASP A 51 9.28 -0.01 20.70
CA ASP A 51 9.55 -1.33 20.09
C ASP A 51 8.97 -2.45 20.97
N HIS A 52 9.23 -3.71 20.55
CA HIS A 52 8.83 -4.97 21.19
C HIS A 52 9.01 -4.93 22.72
N ARG A 53 9.89 -4.10 23.24
CA ARG A 53 10.14 -4.00 24.70
C ARG A 53 8.84 -3.65 25.45
N VAL A 54 7.92 -2.95 24.82
CA VAL A 54 6.62 -2.56 25.46
C VAL A 54 5.82 -3.84 25.75
N TYR A 55 6.09 -4.93 25.03
CA TYR A 55 5.29 -6.18 25.12
C TYR A 55 5.99 -7.30 25.89
N LYS A 56 7.08 -7.07 26.59
CA LYS A 56 7.88 -8.18 27.20
C LYS A 56 7.02 -8.95 28.22
N TYR A 57 6.12 -8.26 28.95
CA TYR A 57 5.24 -8.86 29.98
C TYR A 57 4.04 -9.55 29.33
N LEU A 58 3.48 -8.93 28.29
CA LEU A 58 2.37 -9.54 27.54
C LEU A 58 2.91 -10.80 26.84
N ILE A 59 4.11 -10.74 26.27
CA ILE A 59 4.76 -11.94 25.66
C ILE A 59 4.83 -13.04 26.72
N GLN A 60 5.32 -12.77 27.93
CA GLN A 60 5.40 -13.80 29.00
C GLN A 60 4.03 -14.48 29.20
N GLU A 61 2.94 -13.70 29.16
CA GLU A 61 1.56 -14.21 29.41
C GLU A 61 1.15 -15.18 28.29
N LEU A 62 1.59 -14.95 27.05
CA LEU A 62 1.07 -15.68 25.85
C LEU A 62 2.07 -16.74 25.37
N ASP A 63 3.33 -16.68 25.81
CA ASP A 63 4.49 -17.41 25.24
C ASP A 63 4.19 -18.91 25.06
N ALA A 64 3.68 -19.57 26.11
CA ALA A 64 3.45 -21.03 26.22
C ALA A 64 2.43 -21.49 25.19
N ASP A 65 1.33 -20.76 25.03
CA ASP A 65 0.08 -21.25 24.37
C ASP A 65 -0.05 -20.70 22.94
N PHE A 66 0.77 -19.73 22.54
CA PHE A 66 0.66 -19.10 21.20
C PHE A 66 2.03 -18.80 20.59
N ARG A 67 2.06 -18.78 19.27
CA ARG A 67 3.12 -18.10 18.49
C ARG A 67 2.89 -16.59 18.58
N VAL A 68 3.95 -15.86 18.85
CA VAL A 68 3.90 -14.42 19.18
C VAL A 68 4.96 -13.76 18.31
N ILE A 69 4.52 -12.83 17.46
CA ILE A 69 5.35 -12.04 16.52
C ILE A 69 5.16 -10.59 16.94
N VAL A 70 6.26 -9.88 17.09
CA VAL A 70 6.24 -8.41 17.32
C VAL A 70 7.15 -7.77 16.28
N PRO A 71 6.59 -7.18 15.20
CA PRO A 71 7.41 -6.48 14.22
C PRO A 71 7.82 -5.12 14.78
N ASN A 72 9.06 -4.72 14.54
CA ASN A 72 9.53 -3.34 14.79
C ASN A 72 9.44 -2.58 13.47
N TRP A 73 9.08 -1.31 13.55
CA TRP A 73 8.91 -0.45 12.35
C TRP A 73 10.29 0.09 11.94
N ARG A 74 10.34 0.74 10.78
CA ARG A 74 11.59 1.20 10.12
C ARG A 74 12.25 2.18 11.07
N GLY A 75 13.53 1.96 11.44
CA GLY A 75 14.26 2.85 12.35
C GLY A 75 13.73 2.76 13.77
N HIS A 76 12.97 1.69 14.09
CA HIS A 76 12.54 1.29 15.47
C HIS A 76 13.33 0.05 15.89
N GLY A 77 13.59 -0.08 17.19
CA GLY A 77 14.25 -1.26 17.78
C GLY A 77 15.32 -0.82 18.75
N LEU A 78 16.11 -1.77 19.26
CA LEU A 78 17.18 -1.57 20.28
C LEU A 78 18.16 -0.49 19.79
N SER A 79 18.33 -0.36 18.47
CA SER A 79 19.19 0.67 17.84
C SER A 79 18.37 1.54 16.89
N PRO A 80 17.62 2.54 17.41
CA PRO A 80 16.86 3.45 16.55
C PRO A 80 17.77 4.05 15.47
N SER A 81 17.20 4.47 14.35
CA SER A 81 17.94 5.10 13.22
C SER A 81 17.00 5.95 12.38
N GLU A 82 17.53 7.07 11.87
CA GLU A 82 16.91 7.86 10.78
C GLU A 82 16.64 6.91 9.61
N VAL A 83 15.45 7.01 9.02
CA VAL A 83 15.07 6.27 7.78
C VAL A 83 14.22 7.21 6.94
N PRO A 84 13.99 6.89 5.64
CA PRO A 84 13.09 7.70 4.82
C PRO A 84 11.65 7.68 5.33
N ASP A 85 10.92 8.78 5.09
CA ASP A 85 9.50 8.96 5.47
C ASP A 85 8.68 7.73 5.07
N PHE A 86 7.76 7.34 5.97
CA PHE A 86 6.76 6.27 5.74
C PHE A 86 5.59 6.51 6.71
N GLY A 87 4.47 5.82 6.46
CA GLY A 87 3.24 5.93 7.25
C GLY A 87 2.70 4.55 7.52
N TYR A 88 1.43 4.45 7.92
CA TYR A 88 0.83 3.21 8.46
C TYR A 88 0.64 2.20 7.33
N GLN A 89 0.39 2.68 6.11
CA GLN A 89 0.24 1.79 4.91
C GLN A 89 1.52 0.97 4.72
N GLU A 90 2.70 1.54 4.96
CA GLU A 90 4.00 0.82 4.82
C GLU A 90 4.16 -0.11 6.03
N GLN A 91 3.72 0.33 7.20
CA GLN A 91 3.71 -0.51 8.44
C GLN A 91 2.96 -1.81 8.15
N VAL A 92 1.79 -1.73 7.51
CA VAL A 92 0.95 -2.91 7.13
C VAL A 92 1.74 -3.81 6.18
N LYS A 93 2.36 -3.22 5.16
CA LYS A 93 3.12 -3.98 4.12
C LYS A 93 4.31 -4.64 4.81
N ASP A 94 5.08 -3.88 5.59
CA ASP A 94 6.21 -4.40 6.41
C ASP A 94 5.71 -5.58 7.25
N ALA A 95 4.57 -5.42 7.93
CA ALA A 95 4.02 -6.44 8.86
C ALA A 95 3.71 -7.72 8.07
N LEU A 96 3.04 -7.59 6.93
CA LEU A 96 2.60 -8.74 6.10
C LEU A 96 3.81 -9.47 5.50
N GLU A 97 4.86 -8.73 5.11
CA GLU A 97 6.07 -9.33 4.48
C GLU A 97 6.75 -10.23 5.52
N ILE A 98 6.88 -9.76 6.77
CA ILE A 98 7.46 -10.55 7.89
C ILE A 98 6.60 -11.81 8.09
N LEU A 99 5.27 -11.71 8.07
CA LEU A 99 4.34 -12.87 8.22
C LEU A 99 4.49 -13.84 7.03
N ASP A 100 4.63 -13.30 5.81
CA ASP A 100 4.83 -14.11 4.57
C ASP A 100 6.15 -14.87 4.70
N GLN A 101 7.25 -14.16 4.99
CA GLN A 101 8.59 -14.76 5.23
C GLN A 101 8.51 -15.87 6.29
N LEU A 102 7.69 -15.70 7.34
CA LEU A 102 7.61 -16.63 8.50
C LEU A 102 6.67 -17.78 8.15
N GLY A 103 5.92 -17.67 7.05
CA GLY A 103 4.94 -18.68 6.61
C GLY A 103 3.72 -18.70 7.52
N VAL A 104 3.33 -17.56 8.09
CA VAL A 104 2.12 -17.40 8.95
C VAL A 104 0.91 -17.06 8.07
N GLU A 105 -0.18 -17.80 8.21
CA GLU A 105 -1.45 -17.55 7.50
C GLU A 105 -2.34 -16.70 8.41
N THR A 106 -3.13 -17.35 9.28
CA THR A 106 -4.12 -16.67 10.16
C THR A 106 -3.38 -16.03 11.33
N PHE A 107 -3.71 -14.78 11.66
CA PHE A 107 -3.12 -14.05 12.80
C PHE A 107 -4.18 -13.16 13.44
N LEU A 108 -4.07 -12.99 14.75
CA LEU A 108 -4.91 -12.08 15.57
C LEU A 108 -4.04 -10.88 15.89
N PRO A 109 -4.23 -9.73 15.18
CA PRO A 109 -3.48 -8.53 15.50
C PRO A 109 -3.98 -7.92 16.82
N VAL A 110 -3.04 -7.35 17.56
CA VAL A 110 -3.28 -6.57 18.82
C VAL A 110 -2.39 -5.33 18.76
N SER A 111 -2.98 -4.16 18.71
CA SER A 111 -2.26 -2.87 18.60
C SER A 111 -2.19 -2.21 19.97
N HIS A 112 -1.09 -1.51 20.22
CA HIS A 112 -1.01 -0.49 21.30
C HIS A 112 -1.19 0.88 20.65
N SER A 113 -2.10 1.70 21.22
CA SER A 113 -2.34 3.12 20.87
C SER A 113 -2.42 3.28 19.34
N HIS A 114 -1.63 4.20 18.77
CA HIS A 114 -1.64 4.58 17.33
C HIS A 114 -0.98 3.53 16.45
N GLY A 115 -0.53 2.41 17.06
CA GLY A 115 -0.40 1.13 16.35
C GLY A 115 -1.73 0.71 15.75
N GLY A 116 -2.84 1.29 16.22
CA GLY A 116 -4.21 0.93 15.81
C GLY A 116 -4.48 1.22 14.34
N TRP A 117 -3.77 2.18 13.74
CA TRP A 117 -3.91 2.55 12.30
C TRP A 117 -3.39 1.40 11.44
N VAL A 118 -2.24 0.83 11.82
CA VAL A 118 -1.65 -0.42 11.25
C VAL A 118 -2.67 -1.54 11.40
N LEU A 119 -3.26 -1.73 12.58
CA LEU A 119 -4.14 -2.89 12.85
C LEU A 119 -5.37 -2.82 11.94
N VAL A 120 -6.02 -1.66 11.84
CA VAL A 120 -7.29 -1.55 11.07
C VAL A 120 -6.98 -1.66 9.56
N GLU A 121 -5.91 -1.00 9.09
CA GLU A 121 -5.49 -1.11 7.66
C GLU A 121 -5.08 -2.55 7.37
N LEU A 122 -4.42 -3.22 8.33
CA LEU A 122 -4.04 -4.65 8.20
C LEU A 122 -5.30 -5.52 8.05
N LEU A 123 -6.39 -5.20 8.75
CA LEU A 123 -7.68 -5.94 8.64
C LEU A 123 -8.24 -5.78 7.22
N GLU A 124 -8.31 -4.55 6.71
CA GLU A 124 -8.74 -4.26 5.30
C GLU A 124 -7.85 -5.04 4.32
N GLN A 125 -6.51 -4.89 4.39
CA GLN A 125 -5.56 -5.44 3.39
C GLN A 125 -5.47 -6.96 3.51
N ALA A 126 -5.35 -7.52 4.73
CA ALA A 126 -5.23 -8.98 4.96
C ALA A 126 -6.56 -9.72 4.65
N GLY A 127 -7.70 -9.08 4.94
CA GLY A 127 -9.03 -9.69 4.73
C GLY A 127 -9.49 -10.54 5.91
N PRO A 128 -10.81 -10.83 6.03
CA PRO A 128 -11.36 -11.45 7.22
C PRO A 128 -11.02 -12.94 7.40
N GLU A 129 -10.46 -13.60 6.37
CA GLU A 129 -9.99 -15.01 6.47
C GLU A 129 -8.64 -15.03 7.21
N ARG A 130 -7.68 -14.22 6.75
CA ARG A 130 -6.30 -14.15 7.31
C ARG A 130 -6.35 -13.50 8.71
N ALA A 131 -7.09 -12.40 8.84
CA ALA A 131 -7.23 -11.58 10.07
C ALA A 131 -8.70 -11.47 10.44
N PRO A 132 -9.29 -12.51 11.06
CA PRO A 132 -10.72 -12.55 11.34
C PRO A 132 -11.20 -11.58 12.43
N ARG A 133 -10.31 -11.19 13.35
CA ARG A 133 -10.63 -10.33 14.52
C ARG A 133 -9.47 -9.39 14.79
N GLY A 134 -9.66 -8.45 15.71
CA GLY A 134 -8.62 -7.49 16.13
C GLY A 134 -8.84 -7.04 17.56
N ILE A 135 -7.76 -6.78 18.28
CA ILE A 135 -7.82 -6.06 19.60
C ILE A 135 -6.96 -4.79 19.49
N ILE A 136 -7.59 -3.67 19.77
CA ILE A 136 -6.93 -2.35 19.84
C ILE A 136 -6.84 -2.01 21.33
N MET A 137 -5.63 -1.65 21.77
CA MET A 137 -5.37 -1.34 23.19
C MET A 137 -5.19 0.16 23.31
N ASP A 138 -5.90 0.74 24.27
CA ASP A 138 -5.74 2.15 24.71
C ASP A 138 -5.44 3.07 23.51
N TRP A 139 -6.41 3.20 22.61
CA TRP A 139 -6.34 4.01 21.36
C TRP A 139 -7.40 5.11 21.40
N LEU A 140 -7.02 6.37 21.32
CA LEU A 140 -7.95 7.54 21.42
C LEU A 140 -8.97 7.50 20.29
N MET A 141 -10.21 7.19 20.63
CA MET A 141 -11.32 6.80 19.73
C MET A 141 -11.91 8.05 19.06
N TRP A 142 -11.92 9.16 19.78
CA TRP A 142 -12.35 10.48 19.25
C TRP A 142 -11.14 11.17 18.60
N ALA A 143 -11.41 12.21 17.81
CA ALA A 143 -10.39 13.10 17.23
C ALA A 143 -9.68 13.84 18.37
N PRO A 144 -8.40 14.21 18.21
CA PRO A 144 -7.65 14.91 19.25
C PRO A 144 -8.41 16.10 19.86
N LYS A 145 -8.44 16.17 21.18
CA LYS A 145 -8.84 17.39 21.94
C LYS A 145 -7.62 18.32 21.98
N PRO A 146 -7.81 19.63 22.26
CA PRO A 146 -6.75 20.63 22.12
C PRO A 146 -5.35 20.28 22.63
N ASP A 147 -5.23 19.67 23.82
CA ASP A 147 -3.93 19.35 24.45
C ASP A 147 -3.17 18.34 23.59
N PHE A 148 -3.82 17.24 23.19
CA PHE A 148 -3.22 16.18 22.34
C PHE A 148 -2.83 16.76 20.97
N ALA A 149 -3.69 17.61 20.39
CA ALA A 149 -3.41 18.33 19.11
C ALA A 149 -2.16 19.20 19.29
N LYS A 150 -2.05 19.87 20.43
CA LYS A 150 -0.88 20.73 20.80
C LYS A 150 0.38 19.85 20.91
N SER A 151 0.25 18.64 21.46
CA SER A 151 1.36 17.66 21.56
C SER A 151 1.87 17.31 20.16
N LEU A 152 0.97 16.98 19.23
CA LEU A 152 1.35 16.50 17.87
C LEU A 152 2.13 17.62 17.16
N THR A 153 1.65 18.86 17.31
CA THR A 153 2.27 20.11 16.83
C THR A 153 3.70 20.25 17.38
N LEU A 154 3.87 20.03 18.70
CA LEU A 154 5.20 20.11 19.38
C LEU A 154 6.12 19.03 18.80
N LEU A 155 5.61 17.82 18.56
CA LEU A 155 6.38 16.64 18.08
C LEU A 155 6.97 16.92 16.70
N LYS A 156 6.23 17.65 15.87
CA LYS A 156 6.58 17.96 14.46
C LYS A 156 7.63 19.08 14.41
N ASP A 157 7.79 19.83 15.51
CA ASP A 157 8.69 20.99 15.65
C ASP A 157 10.11 20.53 15.98
N PRO A 158 11.10 20.79 15.08
CA PRO A 158 12.48 20.38 15.35
C PRO A 158 13.03 21.00 16.64
N GLU A 159 12.43 22.11 17.08
CA GLU A 159 12.81 22.83 18.33
C GLU A 159 12.21 22.14 19.56
N ARG A 160 10.90 21.87 19.54
CA ARG A 160 10.08 21.60 20.75
C ARG A 160 9.57 20.15 20.79
N TRP A 161 10.25 19.22 20.12
CA TRP A 161 9.80 17.80 20.00
C TRP A 161 9.96 17.09 21.35
N ARG A 162 11.07 17.32 22.06
N ARG A 162 11.07 17.32 22.06
CA ARG A 162 11.34 16.71 23.38
CA ARG A 162 11.33 16.70 23.38
C ARG A 162 10.25 17.14 24.37
C ARG A 162 10.25 17.14 24.37
N GLU A 163 9.97 18.45 24.41
CA GLU A 163 8.85 19.06 25.19
C GLU A 163 7.54 18.37 24.81
N GLY A 164 7.36 18.08 23.51
CA GLY A 164 6.25 17.28 22.97
C GLY A 164 6.09 15.95 23.69
N THR A 165 7.16 15.14 23.72
CA THR A 165 7.18 13.80 24.37
C THR A 165 6.95 13.91 25.88
N HIS A 166 7.45 14.98 26.50
CA HIS A 166 7.35 15.24 27.98
C HIS A 166 5.89 15.44 28.38
N GLY A 167 5.13 16.21 27.60
CA GLY A 167 3.68 16.43 27.78
C GLY A 167 2.93 15.13 27.64
N LEU A 168 3.25 14.34 26.60
CA LEU A 168 2.63 13.00 26.39
C LEU A 168 2.95 12.09 27.58
N PHE A 169 4.21 12.03 28.03
CA PHE A 169 4.61 11.15 29.15
C PHE A 169 3.77 11.54 30.38
N ASP A 170 3.53 12.83 30.64
CA ASP A 170 2.71 13.29 31.79
C ASP A 170 1.29 12.70 31.66
N VAL A 171 0.68 12.82 30.46
CA VAL A 171 -0.70 12.31 30.18
C VAL A 171 -0.74 10.77 30.32
N TRP A 172 0.25 10.06 29.79
CA TRP A 172 0.25 8.56 29.75
C TRP A 172 0.38 7.98 31.16
N LEU A 173 1.18 8.62 32.02
CA LEU A 173 1.41 8.18 33.41
C LEU A 173 0.24 8.61 34.29
N ASP A 174 -0.41 9.73 33.94
CA ASP A 174 -1.67 10.16 34.57
C ASP A 174 -1.53 10.19 36.10
N GLY A 175 -0.39 10.65 36.60
CA GLY A 175 -0.18 11.01 38.01
C GLY A 175 0.37 9.85 38.80
N HIS A 176 0.81 8.79 38.11
CA HIS A 176 1.14 7.48 38.72
C HIS A 176 2.67 7.28 38.73
N ASP A 177 3.18 6.85 39.89
CA ASP A 177 4.57 6.35 40.02
C ASP A 177 4.56 4.88 39.62
N GLU A 178 4.27 4.62 38.34
N GLU A 178 4.25 4.61 38.34
CA GLU A 178 4.16 3.25 37.77
CA GLU A 178 4.16 3.23 37.77
C GLU A 178 5.56 2.89 37.26
C GLU A 178 5.56 2.88 37.26
N LYS A 179 6.33 2.20 38.12
CA LYS A 179 7.77 1.88 37.89
C LYS A 179 7.99 1.29 36.49
N ARG A 180 7.25 0.24 36.10
CA ARG A 180 7.51 -0.45 34.81
C ARG A 180 7.22 0.50 33.64
N VAL A 181 6.19 1.34 33.75
CA VAL A 181 5.78 2.24 32.63
C VAL A 181 6.78 3.39 32.55
N ARG A 182 7.22 3.92 33.70
CA ARG A 182 8.25 4.99 33.75
C ARG A 182 9.53 4.49 33.05
N HIS A 183 9.96 3.26 33.37
CA HIS A 183 11.16 2.60 32.79
C HIS A 183 10.98 2.52 31.28
N HIS A 184 9.81 2.09 30.81
CA HIS A 184 9.52 2.03 29.36
C HIS A 184 9.72 3.41 28.71
N LEU A 185 9.12 4.48 29.27
CA LEU A 185 9.14 5.83 28.68
C LEU A 185 10.54 6.49 28.76
N LEU A 186 11.24 6.36 29.90
CA LEU A 186 12.40 7.22 30.22
C LEU A 186 13.70 6.50 29.84
N GLU A 187 13.63 5.21 29.51
CA GLU A 187 14.80 4.33 29.24
C GLU A 187 14.58 3.64 27.89
N GLU A 188 13.50 2.87 27.72
CA GLU A 188 13.28 2.04 26.51
C GLU A 188 12.86 2.90 25.31
N MET A 189 12.41 4.14 25.52
CA MET A 189 12.07 5.09 24.42
C MET A 189 13.14 6.20 24.31
N ALA A 190 14.15 6.21 25.18
CA ALA A 190 15.06 7.37 25.36
C ALA A 190 15.87 7.64 24.08
N ASP A 191 16.14 6.57 23.31
CA ASP A 191 17.03 6.54 22.13
C ASP A 191 16.28 6.99 20.88
N TYR A 192 14.96 7.17 20.94
CA TYR A 192 14.17 7.73 19.82
C TYR A 192 14.37 9.24 19.79
N GLY A 193 14.52 9.79 18.58
CA GLY A 193 14.78 11.22 18.35
C GLY A 193 13.72 11.86 17.48
N TYR A 194 13.99 13.08 17.02
CA TYR A 194 13.06 13.93 16.24
C TYR A 194 12.63 13.22 14.95
N ASP A 195 13.49 12.36 14.38
CA ASP A 195 13.17 11.68 13.10
C ASP A 195 11.91 10.84 13.31
N CYS A 196 11.85 10.07 14.40
CA CYS A 196 10.68 9.19 14.70
C CYS A 196 9.52 10.05 15.21
N TRP A 197 9.77 10.88 16.22
CA TRP A 197 8.74 11.70 16.93
C TRP A 197 8.08 12.70 15.98
N GLY A 198 8.86 13.38 15.13
CA GLY A 198 8.30 14.30 14.12
C GLY A 198 7.35 13.58 13.19
N ARG A 199 7.78 12.41 12.70
CA ARG A 199 7.02 11.50 11.81
C ARG A 199 5.73 11.06 12.49
N SER A 200 5.81 10.46 13.70
CA SER A 200 4.65 10.02 14.50
C SER A 200 3.59 11.13 14.49
N GLY A 201 4.00 12.36 14.82
CA GLY A 201 3.15 13.56 14.84
C GLY A 201 2.51 13.86 13.50
N ARG A 202 3.25 13.69 12.40
N ARG A 202 3.25 13.67 12.39
CA ARG A 202 2.76 13.88 11.00
CA ARG A 202 2.73 13.90 11.02
C ARG A 202 1.79 12.76 10.64
C ARG A 202 1.79 12.75 10.63
N VAL A 203 2.15 11.50 10.92
CA VAL A 203 1.33 10.31 10.56
C VAL A 203 0.00 10.34 11.34
N ILE A 204 0.03 10.56 12.65
CA ILE A 204 -1.21 10.55 13.50
C ILE A 204 -2.10 11.71 13.05
N GLU A 205 -1.56 12.93 12.97
CA GLU A 205 -2.28 14.14 12.47
C GLU A 205 -2.99 13.81 11.15
N ASP A 206 -2.25 13.25 10.19
CA ASP A 206 -2.77 12.90 8.84
C ASP A 206 -3.79 11.75 8.92
N ALA A 207 -3.56 10.76 9.79
CA ALA A 207 -4.47 9.60 9.92
C ALA A 207 -5.86 10.10 10.33
N TYR A 208 -5.93 10.95 11.37
CA TYR A 208 -7.17 11.60 11.88
C TYR A 208 -7.79 12.50 10.80
N GLY A 209 -6.99 13.38 10.19
CA GLY A 209 -7.47 14.27 9.10
C GLY A 209 -8.13 13.47 7.99
N ARG A 210 -7.48 12.38 7.55
CA ARG A 210 -7.88 11.54 6.38
C ARG A 210 -9.05 10.61 6.74
N ASN A 211 -8.94 9.85 7.83
CA ASN A 211 -9.95 8.81 8.21
C ASN A 211 -11.01 9.40 9.14
N GLY A 212 -10.77 10.59 9.72
CA GLY A 212 -11.69 11.23 10.67
C GLY A 212 -11.44 10.78 12.11
N SER A 213 -11.46 9.47 12.35
CA SER A 213 -11.20 8.87 13.68
C SER A 213 -10.98 7.37 13.54
N PRO A 214 -10.36 6.72 14.56
CA PRO A 214 -10.28 5.26 14.62
C PRO A 214 -11.64 4.59 14.34
N MET A 215 -12.70 5.13 14.95
CA MET A 215 -14.08 4.60 14.86
C MET A 215 -14.62 4.72 13.43
N GLN A 216 -14.41 5.86 12.78
CA GLN A 216 -14.86 6.05 11.38
C GLN A 216 -14.13 5.05 10.49
N MET A 217 -12.82 4.88 10.67
CA MET A 217 -12.00 3.93 9.86
C MET A 217 -12.51 2.50 10.04
N MET A 218 -12.86 2.11 11.27
CA MET A 218 -13.30 0.73 11.59
C MET A 218 -14.68 0.48 10.97
N ALA A 219 -15.61 1.43 11.12
CA ALA A 219 -16.94 1.37 10.50
C ALA A 219 -16.84 1.32 8.96
N ASN A 220 -15.73 1.81 8.40
CA ASN A 220 -15.51 1.94 6.94
C ASN A 220 -14.80 0.72 6.35
N LEU A 221 -14.58 -0.36 7.13
CA LEU A 221 -13.95 -1.61 6.60
C LEU A 221 -14.95 -2.24 5.63
N THR A 222 -14.47 -2.72 4.47
CA THR A 222 -15.26 -3.47 3.46
C THR A 222 -15.93 -4.65 4.16
N LYS A 223 -15.15 -5.39 4.95
CA LYS A 223 -15.62 -6.53 5.76
C LYS A 223 -15.44 -6.17 7.24
N THR A 224 -16.51 -5.72 7.91
CA THR A 224 -16.54 -5.53 9.39
C THR A 224 -16.39 -6.90 10.04
N ARG A 225 -15.73 -6.94 11.20
CA ARG A 225 -15.31 -8.15 11.95
C ARG A 225 -15.30 -7.84 13.44
N PRO A 226 -15.36 -8.84 14.33
CA PRO A 226 -15.19 -8.60 15.76
C PRO A 226 -13.90 -7.81 16.07
N ILE A 227 -14.05 -6.62 16.65
CA ILE A 227 -12.94 -5.80 17.21
C ILE A 227 -13.30 -5.43 18.64
N ARG A 228 -12.36 -5.56 19.58
CA ARG A 228 -12.53 -5.07 20.97
C ARG A 228 -11.48 -4.00 21.26
N HIS A 229 -11.95 -2.88 21.77
CA HIS A 229 -11.12 -1.79 22.35
C HIS A 229 -11.00 -2.06 23.85
N ILE A 230 -9.78 -2.42 24.29
CA ILE A 230 -9.45 -2.58 25.73
C ILE A 230 -8.55 -1.42 26.17
N PHE A 231 -9.03 -0.62 27.12
CA PHE A 231 -8.36 0.66 27.48
C PHE A 231 -8.46 0.90 28.99
N SER A 232 -7.51 1.66 29.50
CA SER A 232 -7.50 2.19 30.89
C SER A 232 -7.73 3.71 30.88
N GLN A 233 -7.28 4.39 29.83
CA GLN A 233 -7.28 5.87 29.69
C GLN A 233 -7.97 6.28 28.38
N PRO A 234 -8.55 7.50 28.28
CA PRO A 234 -8.76 8.38 29.42
C PRO A 234 -9.83 7.82 30.36
N THR A 235 -9.87 8.33 31.60
CA THR A 235 -10.63 7.75 32.74
C THR A 235 -12.03 8.40 32.85
N GLU A 236 -12.28 9.54 32.19
CA GLU A 236 -13.57 10.30 32.30
C GLU A 236 -14.74 9.40 31.89
N PRO A 237 -15.90 9.51 32.56
N PRO A 237 -15.90 9.50 32.55
CA PRO A 237 -17.12 8.82 32.11
CA PRO A 237 -17.12 8.82 32.11
C PRO A 237 -17.52 9.07 30.65
C PRO A 237 -17.52 9.07 30.65
N GLU A 238 -17.20 10.23 30.08
CA GLU A 238 -17.65 10.65 28.71
C GLU A 238 -16.91 9.88 27.62
N TYR A 239 -15.75 9.30 27.95
CA TYR A 239 -14.98 8.44 27.03
C TYR A 239 -15.60 7.04 26.97
N GLU A 240 -15.96 6.52 28.15
CA GLU A 240 -16.68 5.23 28.29
C GLU A 240 -17.98 5.30 27.48
N LYS A 241 -18.61 6.49 27.39
CA LYS A 241 -19.89 6.70 26.66
C LYS A 241 -19.67 6.61 25.14
N ILE A 242 -18.61 7.21 24.60
CA ILE A 242 -18.41 7.17 23.11
C ILE A 242 -18.10 5.72 22.72
N ASN A 243 -17.52 4.92 23.61
CA ASN A 243 -17.26 3.46 23.37
C ASN A 243 -18.59 2.69 23.45
N SER A 244 -19.42 2.95 24.47
N SER A 244 -19.41 2.97 24.47
CA SER A 244 -20.73 2.31 24.68
CA SER A 244 -20.73 2.32 24.69
C SER A 244 -21.67 2.64 23.51
C SER A 244 -21.67 2.64 23.53
N ASP A 245 -21.68 3.90 23.06
CA ASP A 245 -22.55 4.39 21.97
C ASP A 245 -22.11 3.72 20.66
N PHE A 246 -20.82 3.56 20.43
CA PHE A 246 -20.25 2.94 19.21
C PHE A 246 -20.56 1.44 19.24
N ALA A 247 -20.53 0.87 20.44
CA ALA A 247 -20.79 -0.57 20.69
C ALA A 247 -22.27 -0.90 20.40
N GLU A 248 -23.20 -0.04 20.84
CA GLU A 248 -24.65 -0.22 20.55
C GLU A 248 -24.90 -0.12 19.05
N GLN A 249 -24.20 0.79 18.36
CA GLN A 249 -24.38 1.06 16.90
C GLN A 249 -23.83 -0.11 16.07
N HIS A 250 -22.78 -0.79 16.55
CA HIS A 250 -21.98 -1.77 15.77
C HIS A 250 -21.92 -3.10 16.49
N PRO A 251 -22.70 -4.11 16.04
CA PRO A 251 -22.69 -5.45 16.63
C PRO A 251 -21.29 -6.04 16.84
N TRP A 252 -20.37 -5.72 15.93
CA TRP A 252 -19.00 -6.29 15.85
C TRP A 252 -18.05 -5.57 16.82
N PHE A 253 -18.38 -4.38 17.32
CA PHE A 253 -17.49 -3.63 18.25
C PHE A 253 -17.89 -3.92 19.68
N SER A 254 -16.91 -4.26 20.51
CA SER A 254 -17.00 -4.37 21.99
C SER A 254 -15.83 -3.61 22.62
N TYR A 255 -15.90 -3.41 23.93
CA TYR A 255 -14.88 -2.72 24.72
C TYR A 255 -14.85 -3.30 26.13
N ALA A 256 -13.66 -3.23 26.74
CA ALA A 256 -13.47 -3.42 28.20
C ALA A 256 -12.62 -2.29 28.75
N LYS A 257 -13.11 -1.65 29.82
CA LYS A 257 -12.25 -0.75 30.61
C LYS A 257 -11.45 -1.61 31.61
N LEU A 258 -10.13 -1.58 31.48
CA LEU A 258 -9.22 -2.52 32.17
C LEU A 258 -8.92 -1.99 33.58
N GLY A 259 -9.06 -0.69 33.79
CA GLY A 259 -8.91 -0.08 35.12
C GLY A 259 -7.47 -0.03 35.56
N GLY A 260 -6.52 -0.02 34.62
CA GLY A 260 -5.09 0.12 34.96
C GLY A 260 -4.72 1.58 35.14
N PRO A 261 -3.55 1.89 35.75
CA PRO A 261 -3.16 3.27 36.05
C PRO A 261 -2.77 4.10 34.82
N THR A 262 -2.04 3.51 33.88
CA THR A 262 -1.39 4.25 32.78
C THR A 262 -2.08 3.98 31.45
N ALA A 263 -1.68 4.73 30.42
CA ALA A 263 -2.11 4.51 29.02
C ALA A 263 -1.38 3.31 28.40
N PHE A 264 -0.67 2.48 29.21
CA PHE A 264 0.10 1.30 28.75
C PHE A 264 -0.38 0.02 29.45
N PRO A 265 -1.63 -0.45 29.19
CA PRO A 265 -2.12 -1.70 29.77
C PRO A 265 -1.29 -2.95 29.48
N ALA A 266 -0.58 -3.01 28.35
CA ALA A 266 0.30 -4.15 28.01
C ALA A 266 1.44 -4.28 29.02
N ILE A 267 1.87 -3.17 29.64
CA ILE A 267 2.91 -3.15 30.71
C ILE A 267 2.26 -3.34 32.08
N ASP A 268 1.19 -2.60 32.41
CA ASP A 268 0.75 -2.48 33.83
C ASP A 268 -0.43 -3.39 34.13
N VAL A 269 -1.18 -3.91 33.14
CA VAL A 269 -2.20 -4.97 33.40
C VAL A 269 -2.08 -6.04 32.31
N PRO A 270 -0.87 -6.64 32.18
CA PRO A 270 -0.61 -7.60 31.11
C PRO A 270 -1.52 -8.82 31.20
N ASP A 271 -1.74 -9.33 32.43
CA ASP A 271 -2.62 -10.47 32.73
C ASP A 271 -4.01 -10.17 32.16
N ARG A 272 -4.48 -8.96 32.37
CA ARG A 272 -5.80 -8.50 31.86
C ARG A 272 -5.74 -8.37 30.33
N ALA A 273 -4.69 -7.80 29.75
CA ALA A 273 -4.60 -7.72 28.27
C ALA A 273 -4.73 -9.14 27.70
N ALA A 274 -4.02 -10.07 28.32
CA ALA A 274 -3.87 -11.48 27.89
C ALA A 274 -5.24 -12.18 27.82
N VAL A 275 -6.08 -12.01 28.84
N VAL A 275 -6.08 -12.00 28.85
CA VAL A 275 -7.37 -12.74 28.98
CA VAL A 275 -7.38 -12.71 29.00
C VAL A 275 -8.28 -12.36 27.79
C VAL A 275 -8.28 -12.35 27.80
N HIS A 276 -8.24 -11.10 27.35
CA HIS A 276 -9.03 -10.60 26.20
C HIS A 276 -8.45 -11.18 24.90
N ILE A 277 -7.13 -11.14 24.76
CA ILE A 277 -6.43 -11.71 23.57
C ILE A 277 -6.76 -13.20 23.47
N ARG A 278 -6.68 -13.93 24.60
N ARG A 278 -6.68 -13.93 24.60
CA ARG A 278 -6.98 -15.39 24.67
CA ARG A 278 -6.98 -15.38 24.68
C ARG A 278 -8.43 -15.64 24.23
C ARG A 278 -8.43 -15.64 24.23
N GLU A 279 -9.38 -14.88 24.75
CA GLU A 279 -10.83 -15.06 24.44
C GLU A 279 -11.06 -14.92 22.92
N PHE A 280 -10.44 -13.94 22.27
CA PHE A 280 -10.54 -13.71 20.80
C PHE A 280 -9.83 -14.84 20.05
N ALA A 281 -8.68 -15.29 20.53
CA ALA A 281 -7.92 -16.41 19.94
C ALA A 281 -8.77 -17.68 20.00
N THR A 282 -9.38 -17.96 21.17
CA THR A 282 -10.24 -19.14 21.42
C THR A 282 -11.41 -19.13 20.44
N ALA A 283 -11.96 -17.95 20.14
CA ALA A 283 -13.15 -17.74 19.29
C ALA A 283 -12.82 -17.94 17.82
N ILE A 284 -11.59 -17.61 17.41
CA ILE A 284 -11.05 -17.92 16.04
C ILE A 284 -10.83 -19.43 15.92
N ARG A 285 -10.30 -20.09 16.96
CA ARG A 285 -10.03 -21.56 16.96
C ARG A 285 -11.33 -22.38 16.84
N GLN A 286 -12.50 -21.81 17.17
CA GLN A 286 -13.82 -22.49 17.07
C GLN A 286 -14.43 -22.28 15.68
N ASP B 15 -16.48 8.75 -24.42
CA ASP B 15 -16.30 8.21 -25.79
C ASP B 15 -17.43 7.19 -26.07
N THR B 16 -17.66 6.90 -27.34
CA THR B 16 -18.75 6.03 -27.87
C THR B 16 -18.53 4.56 -27.52
N TYR B 17 -17.40 4.20 -26.90
CA TYR B 17 -17.04 2.80 -26.55
C TYR B 17 -16.89 2.62 -25.04
N LEU B 18 -17.20 3.66 -24.26
CA LEU B 18 -17.06 3.67 -22.79
C LEU B 18 -18.28 2.98 -22.16
N HIS B 19 -18.03 2.00 -21.28
CA HIS B 19 -19.06 1.21 -20.55
C HIS B 19 -18.69 1.20 -19.06
N GLU B 20 -19.64 0.80 -18.21
CA GLU B 20 -19.43 0.56 -16.76
C GLU B 20 -20.01 -0.82 -16.41
N THR B 21 -19.38 -1.51 -15.45
CA THR B 21 -19.77 -2.85 -14.95
C THR B 21 -19.26 -3.02 -13.53
N LEU B 22 -20.05 -3.67 -12.67
CA LEU B 22 -19.61 -4.09 -11.33
C LEU B 22 -18.53 -5.16 -11.51
N VAL B 23 -17.30 -4.85 -11.11
CA VAL B 23 -16.19 -5.83 -11.00
C VAL B 23 -16.01 -6.11 -9.51
N PHE B 24 -16.44 -7.31 -9.08
CA PHE B 24 -16.48 -7.73 -7.66
C PHE B 24 -17.37 -6.74 -6.89
N ASP B 25 -16.79 -5.86 -6.06
CA ASP B 25 -17.56 -4.90 -5.22
C ASP B 25 -17.30 -3.46 -5.70
N ASN B 26 -16.95 -3.28 -6.97
CA ASN B 26 -16.48 -1.97 -7.52
C ASN B 26 -17.04 -1.77 -8.92
N LYS B 27 -17.67 -0.61 -9.18
CA LYS B 27 -18.10 -0.24 -10.55
C LYS B 27 -16.88 0.35 -11.26
N LEU B 28 -16.47 -0.28 -12.35
CA LEU B 28 -15.29 0.13 -13.16
C LEU B 28 -15.79 0.45 -14.57
N SER B 29 -15.35 1.58 -15.12
CA SER B 29 -15.48 1.91 -16.57
C SER B 29 -14.40 1.16 -17.36
N TYR B 30 -14.68 0.96 -18.64
CA TYR B 30 -13.77 0.32 -19.62
C TYR B 30 -14.19 0.71 -21.04
N ILE B 31 -13.21 0.97 -21.90
CA ILE B 31 -13.42 0.97 -23.38
C ILE B 31 -13.60 -0.48 -23.83
N ASP B 32 -14.53 -0.70 -24.76
CA ASP B 32 -14.70 -1.95 -25.53
C ASP B 32 -15.40 -1.57 -26.84
N ASN B 33 -14.67 -1.61 -27.95
CA ASN B 33 -15.23 -1.22 -29.28
C ASN B 33 -16.10 -2.37 -29.80
N GLN B 34 -16.08 -3.52 -29.11
CA GLN B 34 -16.90 -4.72 -29.45
C GLN B 34 -16.74 -5.02 -30.94
N ARG B 35 -15.54 -4.83 -31.50
CA ARG B 35 -15.25 -5.16 -32.92
C ARG B 35 -15.38 -6.67 -33.08
N ASP B 36 -16.29 -7.11 -33.95
CA ASP B 36 -16.53 -8.54 -34.24
C ASP B 36 -15.46 -8.99 -35.25
N THR B 37 -14.36 -9.56 -34.77
CA THR B 37 -13.15 -9.81 -35.59
C THR B 37 -12.28 -10.89 -34.92
N ASP B 38 -11.35 -11.45 -35.69
CA ASP B 38 -10.40 -12.52 -35.28
C ASP B 38 -9.48 -12.01 -34.16
N GLY B 39 -9.20 -12.86 -33.18
CA GLY B 39 -8.29 -12.59 -32.06
C GLY B 39 -6.88 -12.29 -32.53
N PRO B 40 -5.99 -11.82 -31.62
CA PRO B 40 -6.35 -11.57 -30.23
C PRO B 40 -7.04 -10.21 -30.02
N ALA B 41 -7.74 -10.04 -28.90
CA ALA B 41 -8.18 -8.71 -28.41
C ALA B 41 -6.94 -7.91 -28.02
N ILE B 42 -6.97 -6.60 -28.16
CA ILE B 42 -5.83 -5.76 -27.71
C ILE B 42 -6.26 -5.06 -26.42
N LEU B 43 -5.56 -5.35 -25.33
CA LEU B 43 -5.87 -4.89 -23.94
C LEU B 43 -4.86 -3.80 -23.57
N LEU B 44 -5.29 -2.55 -23.66
CA LEU B 44 -4.48 -1.36 -23.34
C LEU B 44 -4.62 -1.10 -21.85
N LEU B 45 -3.51 -1.12 -21.10
CA LEU B 45 -3.51 -1.00 -19.63
C LEU B 45 -3.00 0.38 -19.25
N PRO B 46 -3.88 1.28 -18.74
CA PRO B 46 -3.41 2.53 -18.16
C PRO B 46 -2.38 2.30 -17.05
N GLY B 47 -1.52 3.31 -16.83
CA GLY B 47 -0.73 3.42 -15.60
C GLY B 47 -1.57 3.96 -14.46
N TRP B 48 -0.90 4.41 -13.41
CA TRP B 48 -1.53 4.98 -12.19
C TRP B 48 -2.02 6.41 -12.43
N CYS B 49 -3.25 6.70 -12.01
CA CYS B 49 -3.81 8.07 -11.88
C CYS B 49 -4.01 8.70 -13.26
N HIS B 50 -4.33 7.87 -14.25
CA HIS B 50 -4.96 8.30 -15.53
C HIS B 50 -5.85 7.16 -16.03
N ASP B 51 -6.57 7.39 -17.14
CA ASP B 51 -7.61 6.47 -17.64
C ASP B 51 -7.51 6.30 -19.17
N HIS B 52 -8.49 5.59 -19.75
CA HIS B 52 -8.63 5.29 -21.20
C HIS B 52 -8.37 6.51 -22.08
N ARG B 53 -8.54 7.73 -21.55
CA ARG B 53 -8.31 8.99 -22.30
C ARG B 53 -6.88 9.02 -22.87
N VAL B 54 -5.91 8.42 -22.17
CA VAL B 54 -4.48 8.41 -22.61
C VAL B 54 -4.41 7.64 -23.94
N TYR B 55 -5.36 6.75 -24.21
CA TYR B 55 -5.31 5.83 -25.39
C TYR B 55 -6.22 6.26 -26.55
N LYS B 56 -6.84 7.44 -26.53
CA LYS B 56 -7.89 7.79 -27.52
C LYS B 56 -7.31 7.78 -28.95
N TYR B 57 -6.04 8.17 -29.14
CA TYR B 57 -5.37 8.21 -30.45
C TYR B 57 -4.90 6.83 -30.86
N LEU B 58 -4.41 6.04 -29.91
CA LEU B 58 -3.98 4.65 -30.18
C LEU B 58 -5.23 3.84 -30.53
N ILE B 59 -6.34 4.07 -29.83
CA ILE B 59 -7.64 3.42 -30.16
C ILE B 59 -7.99 3.72 -31.62
N GLN B 60 -7.92 4.98 -32.07
CA GLN B 60 -8.29 5.32 -33.46
C GLN B 60 -7.43 4.52 -34.44
N GLU B 61 -6.15 4.31 -34.12
CA GLU B 61 -5.19 3.56 -34.99
C GLU B 61 -5.64 2.09 -35.12
N LEU B 62 -6.19 1.49 -34.07
CA LEU B 62 -6.42 0.03 -33.98
C LEU B 62 -7.89 -0.32 -34.23
N ASP B 63 -8.80 0.66 -34.11
CA ASP B 63 -10.27 0.49 -33.99
C ASP B 63 -10.82 -0.47 -35.06
N ALA B 64 -10.47 -0.24 -36.34
CA ALA B 64 -10.94 -0.96 -37.56
C ALA B 64 -10.61 -2.45 -37.48
N ASP B 65 -9.37 -2.80 -37.14
CA ASP B 65 -8.81 -4.16 -37.40
C ASP B 65 -8.81 -5.02 -36.15
N PHE B 66 -9.09 -4.46 -34.97
CA PHE B 66 -9.01 -5.21 -33.68
C PHE B 66 -10.14 -4.82 -32.74
N ARG B 67 -10.49 -5.77 -31.88
CA ARG B 67 -11.23 -5.51 -30.63
C ARG B 67 -10.25 -4.87 -29.64
N VAL B 68 -10.70 -3.79 -29.00
CA VAL B 68 -9.84 -2.91 -28.16
C VAL B 68 -10.59 -2.70 -26.85
N ILE B 69 -9.99 -3.15 -25.76
CA ILE B 69 -10.51 -3.07 -24.37
C ILE B 69 -9.54 -2.20 -23.59
N VAL B 70 -10.04 -1.22 -22.85
CA VAL B 70 -9.21 -0.40 -21.94
C VAL B 70 -9.90 -0.40 -20.58
N PRO B 71 -9.41 -1.20 -19.61
CA PRO B 71 -10.01 -1.20 -18.28
C PRO B 71 -9.51 0.03 -17.52
N ASN B 72 -10.40 0.64 -16.73
CA ASN B 72 -10.02 1.70 -15.76
C ASN B 72 -9.91 1.03 -14.39
N TRP B 73 -8.94 1.48 -13.60
CA TRP B 73 -8.65 0.90 -12.27
C TRP B 73 -9.62 1.53 -11.25
N ARG B 74 -9.62 0.99 -10.02
CA ARG B 74 -10.56 1.37 -8.94
C ARG B 74 -10.34 2.84 -8.64
N GLY B 75 -11.40 3.65 -8.68
CA GLY B 75 -11.30 5.09 -8.44
C GLY B 75 -10.59 5.83 -9.55
N HIS B 76 -10.46 5.20 -10.74
CA HIS B 76 -9.94 5.81 -12.00
C HIS B 76 -11.12 5.97 -12.97
N GLY B 77 -11.05 6.96 -13.85
CA GLY B 77 -12.05 7.20 -14.91
C GLY B 77 -12.45 8.65 -14.93
N LEU B 78 -13.43 9.01 -15.77
CA LEU B 78 -13.92 10.41 -15.96
C LEU B 78 -14.33 11.00 -14.60
N SER B 79 -14.75 10.16 -13.66
CA SER B 79 -15.15 10.56 -12.29
C SER B 79 -14.27 9.83 -11.27
N PRO B 80 -13.02 10.30 -11.01
CA PRO B 80 -12.18 9.70 -9.98
C PRO B 80 -12.93 9.61 -8.65
N SER B 81 -12.53 8.69 -7.78
CA SER B 81 -13.09 8.54 -6.43
C SER B 81 -12.07 7.88 -5.50
N GLU B 82 -12.08 8.29 -4.23
CA GLU B 82 -11.38 7.59 -3.12
C GLU B 82 -11.93 6.16 -3.11
N VAL B 83 -11.03 5.19 -2.96
CA VAL B 83 -11.38 3.74 -2.78
C VAL B 83 -10.40 3.17 -1.76
N PRO B 84 -10.65 1.97 -1.21
CA PRO B 84 -9.69 1.32 -0.31
C PRO B 84 -8.38 0.96 -1.03
N ASP B 85 -7.28 0.92 -0.30
CA ASP B 85 -5.92 0.56 -0.80
C ASP B 85 -6.01 -0.70 -1.64
N PHE B 86 -5.29 -0.70 -2.77
CA PHE B 86 -5.10 -1.87 -3.67
C PHE B 86 -3.79 -1.63 -4.44
N GLY B 87 -3.27 -2.70 -5.06
CA GLY B 87 -2.02 -2.70 -5.82
C GLY B 87 -2.21 -3.41 -7.13
N TYR B 88 -1.13 -3.80 -7.78
CA TYR B 88 -1.15 -4.35 -9.16
C TYR B 88 -1.82 -5.73 -9.18
N GLN B 89 -1.74 -6.50 -8.08
CA GLN B 89 -2.36 -7.86 -8.00
C GLN B 89 -3.87 -7.73 -8.17
N GLU B 90 -4.46 -6.68 -7.61
CA GLU B 90 -5.92 -6.43 -7.72
C GLU B 90 -6.24 -5.90 -9.12
N GLN B 91 -5.34 -5.09 -9.68
CA GLN B 91 -5.44 -4.58 -11.08
C GLN B 91 -5.57 -5.78 -12.04
N VAL B 92 -4.74 -6.80 -11.86
CA VAL B 92 -4.74 -8.05 -12.69
C VAL B 92 -6.09 -8.76 -12.54
N LYS B 93 -6.55 -8.91 -11.30
CA LYS B 93 -7.81 -9.63 -10.99
C LYS B 93 -8.97 -8.85 -11.61
N ASP B 94 -9.01 -7.53 -11.37
CA ASP B 94 -10.01 -6.63 -11.99
C ASP B 94 -9.97 -6.83 -13.51
N ALA B 95 -8.78 -6.82 -14.13
CA ALA B 95 -8.60 -6.91 -15.60
C ALA B 95 -9.18 -8.23 -16.10
N LEU B 96 -8.86 -9.36 -15.43
CA LEU B 96 -9.29 -10.72 -15.86
C LEU B 96 -10.81 -10.87 -15.72
N GLU B 97 -11.41 -10.29 -14.68
CA GLU B 97 -12.87 -10.36 -14.40
C GLU B 97 -13.61 -9.68 -15.57
N ILE B 98 -13.15 -8.49 -15.98
CA ILE B 98 -13.70 -7.73 -17.14
C ILE B 98 -13.59 -8.59 -18.40
N LEU B 99 -12.45 -9.24 -18.64
CA LEU B 99 -12.23 -10.12 -19.83
C LEU B 99 -13.17 -11.33 -19.76
N ASP B 100 -13.34 -11.93 -18.57
CA ASP B 100 -14.23 -13.10 -18.35
C ASP B 100 -15.68 -12.65 -18.65
N GLN B 101 -16.14 -11.55 -18.04
CA GLN B 101 -17.47 -10.95 -18.29
C GLN B 101 -17.69 -10.71 -19.78
N LEU B 102 -16.66 -10.27 -20.51
CA LEU B 102 -16.78 -9.89 -21.95
C LEU B 102 -16.69 -11.16 -22.81
N GLY B 103 -16.29 -12.28 -22.24
CA GLY B 103 -16.08 -13.55 -22.95
C GLY B 103 -14.88 -13.49 -23.88
N VAL B 104 -13.83 -12.75 -23.49
CA VAL B 104 -12.55 -12.64 -24.26
C VAL B 104 -11.60 -13.74 -23.79
N GLU B 105 -11.06 -14.51 -24.73
CA GLU B 105 -10.09 -15.61 -24.45
C GLU B 105 -8.68 -15.01 -24.63
N THR B 106 -8.16 -15.05 -25.86
CA THR B 106 -6.77 -14.64 -26.20
C THR B 106 -6.73 -13.10 -26.27
N PHE B 107 -5.72 -12.49 -25.65
CA PHE B 107 -5.53 -11.03 -25.64
C PHE B 107 -4.05 -10.70 -25.65
N LEU B 108 -3.71 -9.58 -26.30
CA LEU B 108 -2.36 -8.98 -26.32
C LEU B 108 -2.39 -7.77 -25.39
N PRO B 109 -1.84 -7.88 -24.16
CA PRO B 109 -1.74 -6.73 -23.27
C PRO B 109 -0.69 -5.75 -23.79
N VAL B 110 -0.97 -4.47 -23.60
CA VAL B 110 -0.07 -3.33 -23.89
C VAL B 110 -0.16 -2.35 -22.71
N SER B 111 0.91 -2.16 -21.96
CA SER B 111 0.95 -1.29 -20.76
C SER B 111 1.57 0.07 -21.11
N HIS B 112 1.10 1.11 -20.45
CA HIS B 112 1.83 2.39 -20.36
C HIS B 112 2.56 2.45 -19.03
N SER B 113 3.88 2.76 -19.07
CA SER B 113 4.77 3.02 -17.91
C SER B 113 4.57 1.96 -16.83
N HIS B 114 4.28 2.36 -15.58
CA HIS B 114 4.15 1.48 -14.39
C HIS B 114 2.82 0.68 -14.43
N GLY B 115 2.01 0.88 -15.47
CA GLY B 115 1.02 -0.13 -15.90
C GLY B 115 1.71 -1.46 -16.20
N GLY B 116 3.04 -1.45 -16.39
CA GLY B 116 3.86 -2.63 -16.72
C GLY B 116 3.80 -3.70 -15.64
N TRP B 117 3.57 -3.34 -14.37
CA TRP B 117 3.48 -4.30 -13.23
C TRP B 117 2.21 -5.16 -13.40
N VAL B 118 1.10 -4.52 -13.77
CA VAL B 118 -0.19 -5.18 -14.14
C VAL B 118 0.09 -6.13 -15.31
N LEU B 119 0.78 -5.65 -16.36
CA LEU B 119 0.97 -6.44 -17.60
C LEU B 119 1.76 -7.70 -17.29
N VAL B 120 2.86 -7.62 -16.54
CA VAL B 120 3.75 -8.78 -16.27
C VAL B 120 3.02 -9.76 -15.34
N GLU B 121 2.34 -9.28 -14.30
CA GLU B 121 1.57 -10.13 -13.36
C GLU B 121 0.41 -10.79 -14.13
N LEU B 122 -0.20 -10.04 -15.06
CA LEU B 122 -1.28 -10.56 -15.95
C LEU B 122 -0.73 -11.72 -16.80
N LEU B 123 0.52 -11.61 -17.29
CA LEU B 123 1.17 -12.68 -18.10
C LEU B 123 1.34 -13.95 -17.27
N GLU B 124 1.88 -13.82 -16.04
CA GLU B 124 2.02 -14.96 -15.07
C GLU B 124 0.63 -15.60 -14.84
N GLN B 125 -0.36 -14.80 -14.41
CA GLN B 125 -1.69 -15.32 -13.98
C GLN B 125 -2.50 -15.85 -15.17
N ALA B 126 -2.55 -15.12 -16.30
CA ALA B 126 -3.33 -15.52 -17.50
C ALA B 126 -2.70 -16.73 -18.22
N GLY B 127 -1.37 -16.83 -18.21
CA GLY B 127 -0.63 -17.94 -18.84
C GLY B 127 -0.37 -17.69 -20.33
N PRO B 128 0.62 -18.40 -20.92
CA PRO B 128 1.07 -18.12 -22.29
C PRO B 128 0.08 -18.50 -23.40
N GLU B 129 -0.97 -19.28 -23.09
CA GLU B 129 -2.05 -19.62 -24.06
C GLU B 129 -3.00 -18.44 -24.22
N ARG B 130 -3.49 -17.89 -23.12
CA ARG B 130 -4.44 -16.74 -23.10
C ARG B 130 -3.71 -15.46 -23.52
N ALA B 131 -2.51 -15.24 -22.96
CA ALA B 131 -1.67 -14.04 -23.17
C ALA B 131 -0.30 -14.45 -23.70
N PRO B 132 -0.19 -14.78 -25.00
CA PRO B 132 1.05 -15.31 -25.56
C PRO B 132 2.20 -14.29 -25.67
N ARG B 133 1.88 -12.99 -25.76
CA ARG B 133 2.88 -11.90 -25.91
C ARG B 133 2.46 -10.69 -25.08
N GLY B 134 3.36 -9.71 -24.98
CA GLY B 134 3.15 -8.44 -24.26
C GLY B 134 3.90 -7.32 -24.94
N ILE B 135 3.38 -6.11 -24.86
CA ILE B 135 4.12 -4.86 -25.21
C ILE B 135 4.05 -3.93 -24.00
N ILE B 136 5.22 -3.55 -23.51
CA ILE B 136 5.37 -2.58 -22.39
C ILE B 136 5.84 -1.29 -23.05
N MET B 137 5.11 -0.20 -22.76
CA MET B 137 5.44 1.11 -23.35
C MET B 137 6.13 1.97 -22.30
N ASP B 138 7.26 2.55 -22.68
CA ASP B 138 7.96 3.61 -21.91
C ASP B 138 7.93 3.27 -20.41
N TRP B 139 8.52 2.13 -20.02
CA TRP B 139 8.61 1.64 -18.62
C TRP B 139 10.06 1.63 -18.15
N LEU B 140 10.37 2.36 -17.08
CA LEU B 140 11.76 2.52 -16.55
C LEU B 140 12.30 1.14 -16.14
N MET B 141 13.27 0.64 -16.91
CA MET B 141 13.76 -0.77 -16.88
C MET B 141 14.68 -1.00 -15.69
N TRP B 142 15.47 0.02 -15.36
CA TRP B 142 16.37 0.07 -14.18
C TRP B 142 15.56 0.54 -12.96
N ALA B 143 16.11 0.37 -11.75
CA ALA B 143 15.53 0.91 -10.50
C ALA B 143 15.58 2.44 -10.57
N PRO B 144 14.65 3.14 -9.89
CA PRO B 144 14.63 4.60 -9.92
C PRO B 144 16.01 5.24 -9.67
N LYS B 145 16.36 6.23 -10.49
CA LYS B 145 17.49 7.16 -10.21
C LYS B 145 17.00 8.20 -9.20
N PRO B 146 17.91 8.91 -8.49
CA PRO B 146 17.53 9.79 -7.37
C PRO B 146 16.32 10.71 -7.57
N ASP B 147 16.18 11.34 -8.74
CA ASP B 147 15.10 12.31 -9.04
C ASP B 147 13.74 11.60 -8.98
N PHE B 148 13.60 10.47 -9.67
CA PHE B 148 12.35 9.67 -9.70
C PHE B 148 12.03 9.14 -8.29
N ALA B 149 13.03 8.70 -7.53
CA ALA B 149 12.89 8.26 -6.12
C ALA B 149 12.35 9.43 -5.29
N LYS B 150 12.88 10.63 -5.53
CA LYS B 150 12.46 11.89 -4.85
C LYS B 150 10.99 12.19 -5.20
N SER B 151 10.60 11.97 -6.46
CA SER B 151 9.19 12.12 -6.93
C SER B 151 8.26 11.20 -6.13
N LEU B 152 8.60 9.92 -6.02
CA LEU B 152 7.71 8.89 -5.40
C LEU B 152 7.48 9.28 -3.94
N THR B 153 8.55 9.72 -3.26
CA THR B 153 8.56 10.26 -1.88
C THR B 153 7.57 11.44 -1.77
N LEU B 154 7.64 12.39 -2.71
CA LEU B 154 6.76 13.58 -2.75
C LEU B 154 5.30 13.13 -2.93
N LEU B 155 5.05 12.15 -3.79
CA LEU B 155 3.70 11.63 -4.16
C LEU B 155 2.99 11.07 -2.92
N LYS B 156 3.78 10.43 -2.04
CA LYS B 156 3.29 9.74 -0.82
C LYS B 156 3.02 10.75 0.30
N ASP B 157 3.52 11.98 0.16
CA ASP B 157 3.45 13.07 1.16
C ASP B 157 2.12 13.81 1.03
N PRO B 158 1.25 13.78 2.06
CA PRO B 158 -0.04 14.48 1.99
C PRO B 158 0.13 15.99 1.75
N GLU B 159 1.31 16.52 2.11
CA GLU B 159 1.66 17.96 1.94
C GLU B 159 2.08 18.23 0.48
N ARG B 160 3.01 17.44 -0.06
CA ARG B 160 3.83 17.78 -1.26
C ARG B 160 3.51 16.86 -2.45
N TRP B 161 2.31 16.29 -2.52
CA TRP B 161 1.93 15.30 -3.57
C TRP B 161 1.76 16.01 -4.92
N ARG B 162 1.13 17.20 -4.91
CA ARG B 162 0.90 17.99 -6.16
C ARG B 162 2.25 18.38 -6.75
N GLU B 163 3.13 18.92 -5.90
CA GLU B 163 4.54 19.24 -6.24
C GLU B 163 5.22 17.98 -6.80
N GLY B 164 4.92 16.81 -6.24
CA GLY B 164 5.34 15.48 -6.74
C GLY B 164 4.96 15.29 -8.20
N THR B 165 3.68 15.45 -8.54
CA THR B 165 3.15 15.30 -9.93
C THR B 165 3.76 16.35 -10.87
N HIS B 166 4.04 17.56 -10.37
CA HIS B 166 4.62 18.69 -11.14
C HIS B 166 6.04 18.34 -11.62
N GLY B 167 6.88 17.76 -10.75
CA GLY B 167 8.22 17.25 -11.08
C GLY B 167 8.13 16.15 -12.13
N LEU B 168 7.21 15.20 -11.95
CA LEU B 168 6.96 14.13 -12.95
C LEU B 168 6.56 14.77 -14.29
N PHE B 169 5.61 15.71 -14.30
CA PHE B 169 5.13 16.35 -15.55
C PHE B 169 6.32 16.97 -16.28
N ASP B 170 7.24 17.62 -15.55
CA ASP B 170 8.45 18.27 -16.16
C ASP B 170 9.29 17.18 -16.86
N VAL B 171 9.55 16.06 -16.20
CA VAL B 171 10.37 14.93 -16.72
C VAL B 171 9.68 14.29 -17.93
N TRP B 172 8.36 14.04 -17.83
CA TRP B 172 7.60 13.34 -18.89
C TRP B 172 7.59 14.16 -20.19
N LEU B 173 7.47 15.48 -20.08
CA LEU B 173 7.38 16.40 -21.24
C LEU B 173 8.78 16.69 -21.77
N ASP B 174 9.80 16.61 -20.91
CA ASP B 174 11.23 16.62 -21.33
C ASP B 174 11.52 17.85 -22.20
N GLY B 175 10.96 19.01 -21.86
CA GLY B 175 11.33 20.30 -22.46
C GLY B 175 10.50 20.65 -23.67
N HIS B 176 9.41 19.91 -23.90
CA HIS B 176 8.63 19.92 -25.16
C HIS B 176 7.27 20.59 -24.95
N ASP B 177 6.88 21.48 -25.87
CA ASP B 177 5.52 22.07 -25.91
C ASP B 177 4.65 21.11 -26.73
N GLU B 178 4.46 19.90 -26.20
N GLU B 178 4.49 19.88 -26.24
CA GLU B 178 3.68 18.81 -26.84
CA GLU B 178 3.69 18.83 -26.90
C GLU B 178 2.22 18.97 -26.41
C GLU B 178 2.25 19.01 -26.42
N LYS B 179 1.44 19.67 -27.25
CA LYS B 179 0.03 20.07 -26.97
C LYS B 179 -0.80 18.90 -26.44
N ARG B 180 -0.84 17.78 -27.13
CA ARG B 180 -1.77 16.68 -26.77
C ARG B 180 -1.33 16.07 -25.43
N VAL B 181 -0.02 15.99 -25.17
CA VAL B 181 0.50 15.37 -23.92
C VAL B 181 0.28 16.34 -22.77
N ARG B 182 0.49 17.63 -22.98
CA ARG B 182 0.23 18.67 -21.95
C ARG B 182 -1.24 18.61 -21.53
N HIS B 183 -2.15 18.54 -22.50
CA HIS B 183 -3.62 18.42 -22.28
C HIS B 183 -3.91 17.19 -21.43
N HIS B 184 -3.27 16.06 -21.76
CA HIS B 184 -3.45 14.81 -20.98
C HIS B 184 -3.08 15.06 -19.51
N LEU B 185 -1.90 15.65 -19.26
CA LEU B 185 -1.34 15.84 -17.89
C LEU B 185 -2.10 16.92 -17.11
N LEU B 186 -2.46 18.04 -17.74
CA LEU B 186 -2.90 19.26 -17.03
C LEU B 186 -4.43 19.32 -16.94
N GLU B 187 -5.13 18.46 -17.68
CA GLU B 187 -6.60 18.48 -17.82
C GLU B 187 -7.16 17.07 -17.57
N GLU B 188 -6.70 16.05 -18.31
CA GLU B 188 -7.26 14.68 -18.20
C GLU B 188 -6.79 13.96 -16.93
N MET B 189 -5.73 14.43 -16.27
CA MET B 189 -5.27 13.91 -14.95
C MET B 189 -5.61 14.87 -13.81
N ALA B 190 -6.19 16.03 -14.10
CA ALA B 190 -6.36 17.13 -13.12
C ALA B 190 -7.27 16.70 -11.95
N ASP B 191 -8.21 15.79 -12.20
CA ASP B 191 -9.26 15.33 -11.24
C ASP B 191 -8.72 14.24 -10.32
N TYR B 192 -7.50 13.74 -10.53
CA TYR B 192 -6.84 12.77 -9.62
C TYR B 192 -6.25 13.56 -8.44
N GLY B 193 -6.40 12.99 -7.24
CA GLY B 193 -5.96 13.60 -5.98
C GLY B 193 -4.98 12.70 -5.24
N TYR B 194 -4.69 13.06 -3.99
CA TYR B 194 -3.67 12.40 -3.14
C TYR B 194 -4.00 10.91 -2.94
N ASP B 195 -5.28 10.55 -2.96
CA ASP B 195 -5.72 9.14 -2.76
C ASP B 195 -5.08 8.28 -3.85
N CYS B 196 -5.13 8.71 -5.11
CA CYS B 196 -4.55 7.93 -6.24
C CYS B 196 -3.02 8.10 -6.23
N TRP B 197 -2.54 9.34 -6.20
CA TRP B 197 -1.10 9.70 -6.35
C TRP B 197 -0.27 9.12 -5.20
N GLY B 198 -0.76 9.23 -3.95
CA GLY B 198 -0.09 8.63 -2.78
C GLY B 198 0.07 7.13 -2.96
N ARG B 199 -1.02 6.48 -3.37
CA ARG B 199 -1.12 5.02 -3.66
C ARG B 199 -0.10 4.64 -4.76
N SER B 200 -0.18 5.27 -5.93
CA SER B 200 0.76 5.02 -7.06
C SER B 200 2.20 4.96 -6.52
N GLY B 201 2.59 5.97 -5.74
CA GLY B 201 3.90 6.09 -5.08
C GLY B 201 4.21 4.92 -4.16
N ARG B 202 3.22 4.45 -3.40
CA ARG B 202 3.36 3.28 -2.49
C ARG B 202 3.43 1.98 -3.32
N VAL B 203 2.60 1.83 -4.34
CA VAL B 203 2.55 0.59 -5.18
C VAL B 203 3.85 0.44 -5.97
N ILE B 204 4.34 1.50 -6.61
CA ILE B 204 5.59 1.43 -7.43
C ILE B 204 6.79 1.14 -6.50
N GLU B 205 6.92 1.91 -5.42
CA GLU B 205 7.96 1.69 -4.36
C GLU B 205 7.95 0.21 -3.94
N ASP B 206 6.77 -0.33 -3.60
CA ASP B 206 6.57 -1.74 -3.13
C ASP B 206 6.86 -2.73 -4.27
N ALA B 207 6.47 -2.42 -5.51
CA ALA B 207 6.69 -3.28 -6.68
C ALA B 207 8.19 -3.53 -6.85
N TYR B 208 9.01 -2.46 -6.86
CA TYR B 208 10.49 -2.48 -6.95
C TYR B 208 11.07 -3.22 -5.73
N GLY B 209 10.65 -2.85 -4.51
CA GLY B 209 11.11 -3.50 -3.26
C GLY B 209 10.91 -5.00 -3.32
N ARG B 210 9.73 -5.44 -3.75
CA ARG B 210 9.30 -6.86 -3.80
C ARG B 210 9.94 -7.61 -4.98
N ASN B 211 9.80 -7.10 -6.20
CA ASN B 211 10.22 -7.81 -7.44
C ASN B 211 11.65 -7.43 -7.86
N GLY B 212 12.22 -6.38 -7.25
CA GLY B 212 13.55 -5.86 -7.61
C GLY B 212 13.52 -4.86 -8.75
N SER B 213 12.98 -5.24 -9.91
CA SER B 213 12.89 -4.37 -11.12
C SER B 213 11.94 -4.99 -12.14
N PRO B 214 11.43 -4.19 -13.11
CA PRO B 214 10.67 -4.75 -14.24
C PRO B 214 11.38 -5.95 -14.88
N MET B 215 12.70 -5.81 -15.14
CA MET B 215 13.51 -6.81 -15.88
C MET B 215 13.63 -8.09 -15.05
N GLN B 216 13.86 -7.98 -13.73
CA GLN B 216 13.90 -9.15 -12.82
C GLN B 216 12.56 -9.88 -12.87
N MET B 217 11.45 -9.14 -12.76
CA MET B 217 10.08 -9.72 -12.72
C MET B 217 9.81 -10.47 -14.03
N MET B 218 10.21 -9.91 -15.17
CA MET B 218 9.95 -10.49 -16.52
C MET B 218 10.78 -11.76 -16.69
N ALA B 219 12.06 -11.73 -16.33
CA ALA B 219 12.96 -12.91 -16.36
C ALA B 219 12.43 -14.00 -15.42
N ASN B 220 11.65 -13.62 -14.40
CA ASN B 220 11.16 -14.52 -13.31
C ASN B 220 9.79 -15.12 -13.64
N LEU B 221 9.25 -14.89 -14.85
CA LEU B 221 7.94 -15.49 -15.27
C LEU B 221 8.16 -17.00 -15.39
N THR B 222 7.22 -17.78 -14.87
CA THR B 222 7.26 -19.27 -14.96
C THR B 222 7.38 -19.66 -16.44
N LYS B 223 6.57 -19.03 -17.28
CA LYS B 223 6.62 -19.17 -18.77
C LYS B 223 7.01 -17.83 -19.40
N THR B 224 8.30 -17.65 -19.73
CA THR B 224 8.80 -16.48 -20.51
C THR B 224 8.16 -16.54 -21.90
N ARG B 225 7.91 -15.37 -22.51
CA ARG B 225 7.17 -15.16 -23.79
C ARG B 225 7.73 -13.93 -24.49
N PRO B 226 7.48 -13.76 -25.81
CA PRO B 226 7.86 -12.52 -26.49
C PRO B 226 7.27 -11.28 -25.78
N ILE B 227 8.16 -10.40 -25.30
CA ILE B 227 7.79 -9.05 -24.76
C ILE B 227 8.67 -8.02 -25.47
N ARG B 228 8.06 -6.95 -26.00
CA ARG B 228 8.80 -5.81 -26.59
C ARG B 228 8.58 -4.55 -25.73
N HIS B 229 9.67 -3.92 -25.39
CA HIS B 229 9.71 -2.59 -24.75
C HIS B 229 9.83 -1.55 -25.86
N ILE B 230 8.76 -0.78 -26.04
CA ILE B 230 8.75 0.38 -26.99
C ILE B 230 8.73 1.67 -26.16
N PHE B 231 9.77 2.47 -26.30
CA PHE B 231 10.00 3.65 -25.44
C PHE B 231 10.58 4.81 -26.24
N SER B 232 10.30 6.02 -25.75
CA SER B 232 10.90 7.29 -26.25
C SER B 232 11.85 7.86 -25.21
N GLN B 233 11.56 7.64 -23.92
CA GLN B 233 12.31 8.19 -22.76
C GLN B 233 12.79 7.07 -21.85
N PRO B 234 13.89 7.25 -21.08
CA PRO B 234 14.78 8.40 -21.24
C PRO B 234 15.59 8.31 -22.55
N THR B 235 16.16 9.43 -23.01
CA THR B 235 16.74 9.61 -24.38
C THR B 235 18.23 9.27 -24.42
N GLU B 236 18.91 9.14 -23.27
CA GLU B 236 20.39 8.91 -23.19
C GLU B 236 20.74 7.61 -23.91
N PRO B 237 21.89 7.55 -24.63
CA PRO B 237 22.41 6.27 -25.14
C PRO B 237 22.56 5.15 -24.11
N GLU B 238 22.79 5.45 -22.83
CA GLU B 238 23.09 4.47 -21.77
C GLU B 238 21.82 3.70 -21.35
N TYR B 239 20.64 4.23 -21.67
CA TYR B 239 19.33 3.54 -21.44
C TYR B 239 19.10 2.52 -22.56
N GLU B 240 19.38 2.92 -23.80
CA GLU B 240 19.34 2.04 -24.99
C GLU B 240 20.28 0.84 -24.76
N LYS B 241 21.40 1.03 -24.03
CA LYS B 241 22.38 -0.04 -23.73
C LYS B 241 21.80 -1.07 -22.76
N ILE B 242 21.12 -0.64 -21.69
CA ILE B 242 20.59 -1.63 -20.69
C ILE B 242 19.48 -2.46 -21.37
N ASN B 243 18.79 -1.88 -22.36
CA ASN B 243 17.77 -2.60 -23.16
C ASN B 243 18.46 -3.59 -24.12
N SER B 244 19.52 -3.15 -24.82
CA SER B 244 20.30 -3.98 -25.78
C SER B 244 20.96 -5.15 -25.03
N ASP B 245 21.52 -4.90 -23.86
CA ASP B 245 22.19 -5.92 -23.01
C ASP B 245 21.15 -6.95 -22.52
N PHE B 246 19.94 -6.51 -22.15
CA PHE B 246 18.86 -7.41 -21.64
C PHE B 246 18.31 -8.21 -22.82
N ALA B 247 18.30 -7.60 -24.01
CA ALA B 247 17.83 -8.20 -25.27
C ALA B 247 18.77 -9.33 -25.71
N GLU B 248 20.08 -9.12 -25.61
CA GLU B 248 21.10 -10.16 -25.93
C GLU B 248 20.94 -11.34 -24.97
N GLN B 249 20.69 -11.05 -23.68
CA GLN B 249 20.60 -12.06 -22.60
C GLN B 249 19.33 -12.90 -22.77
N HIS B 250 18.25 -12.31 -23.28
CA HIS B 250 16.89 -12.91 -23.27
C HIS B 250 16.32 -12.97 -24.67
N PRO B 251 16.29 -14.18 -25.28
CA PRO B 251 15.77 -14.38 -26.63
C PRO B 251 14.37 -13.79 -26.86
N TRP B 252 13.55 -13.81 -25.80
CA TRP B 252 12.13 -13.41 -25.82
C TRP B 252 11.98 -11.88 -25.69
N PHE B 253 13.00 -11.15 -25.26
CA PHE B 253 12.90 -9.67 -25.09
C PHE B 253 13.43 -8.97 -26.34
N SER B 254 12.66 -8.02 -26.85
CA SER B 254 13.04 -7.08 -27.92
C SER B 254 12.65 -5.66 -27.49
N TYR B 255 13.12 -4.66 -28.22
CA TYR B 255 12.87 -3.23 -27.93
C TYR B 255 12.96 -2.44 -29.24
N ALA B 256 12.21 -1.35 -29.29
CA ALA B 256 12.32 -0.30 -30.31
C ALA B 256 12.28 1.07 -29.60
N LYS B 257 13.29 1.91 -29.88
CA LYS B 257 13.23 3.36 -29.54
C LYS B 257 12.34 4.06 -30.57
N LEU B 258 11.24 4.64 -30.10
CA LEU B 258 10.17 5.20 -30.97
C LEU B 258 10.54 6.61 -31.35
N GLY B 259 11.41 7.26 -30.56
CA GLY B 259 11.95 8.59 -30.91
C GLY B 259 10.91 9.68 -30.76
N GLY B 260 9.89 9.49 -29.92
CA GLY B 260 8.89 10.54 -29.66
C GLY B 260 9.44 11.56 -28.65
N PRO B 261 8.80 12.75 -28.51
CA PRO B 261 9.29 13.80 -27.60
C PRO B 261 9.06 13.48 -26.11
N THR B 262 7.91 12.89 -25.76
CA THR B 262 7.48 12.76 -24.35
C THR B 262 7.58 11.29 -23.89
N ALA B 263 7.42 11.09 -22.58
CA ALA B 263 7.26 9.75 -21.95
C ALA B 263 5.86 9.14 -22.26
N PHE B 264 5.10 9.70 -23.22
CA PHE B 264 3.73 9.24 -23.58
C PHE B 264 3.64 8.90 -25.07
N PRO B 265 4.35 7.87 -25.54
CA PRO B 265 4.29 7.45 -26.95
C PRO B 265 2.88 7.12 -27.47
N ALA B 266 1.98 6.65 -26.61
CA ALA B 266 0.59 6.30 -26.99
C ALA B 266 -0.15 7.56 -27.45
N ILE B 267 0.20 8.73 -26.91
CA ILE B 267 -0.38 10.05 -27.33
C ILE B 267 0.41 10.65 -28.49
N ASP B 268 1.75 10.69 -28.42
CA ASP B 268 2.54 11.57 -29.32
C ASP B 268 3.12 10.77 -30.49
N VAL B 269 3.21 9.44 -30.42
CA VAL B 269 3.60 8.62 -31.62
C VAL B 269 2.68 7.41 -31.70
N PRO B 270 1.33 7.67 -31.75
CA PRO B 270 0.34 6.60 -31.71
C PRO B 270 0.50 5.64 -32.90
N ASP B 271 0.75 6.21 -34.08
CA ASP B 271 0.96 5.46 -35.36
C ASP B 271 2.11 4.48 -35.14
N ARG B 272 3.17 4.94 -34.47
CA ARG B 272 4.36 4.10 -34.19
C ARG B 272 4.00 3.04 -33.13
N ALA B 273 3.29 3.41 -32.08
CA ALA B 273 2.88 2.42 -31.05
C ALA B 273 2.11 1.31 -31.78
N ALA B 274 1.19 1.71 -32.66
CA ALA B 274 0.24 0.85 -33.38
C ALA B 274 0.97 -0.21 -34.23
N VAL B 275 2.01 0.19 -34.96
N VAL B 275 2.02 0.16 -34.96
CA VAL B 275 2.73 -0.68 -35.93
CA VAL B 275 2.65 -0.78 -35.94
C VAL B 275 3.36 -1.87 -35.16
C VAL B 275 3.33 -1.91 -35.13
N HIS B 276 3.85 -1.60 -33.94
CA HIS B 276 4.47 -2.64 -33.06
C HIS B 276 3.38 -3.55 -32.51
N ILE B 277 2.27 -2.98 -32.06
CA ILE B 277 1.09 -3.74 -31.56
C ILE B 277 0.59 -4.66 -32.69
N ARG B 278 0.46 -4.12 -33.91
N ARG B 278 0.48 -4.14 -33.92
CA ARG B 278 0.01 -4.87 -35.11
CA ARG B 278 0.00 -4.87 -35.14
C ARG B 278 0.95 -6.06 -35.37
C ARG B 278 0.96 -6.02 -35.49
N GLU B 279 2.27 -5.81 -35.36
CA GLU B 279 3.31 -6.84 -35.64
C GLU B 279 3.15 -8.02 -34.66
N PHE B 280 2.95 -7.75 -33.37
CA PHE B 280 2.79 -8.77 -32.31
C PHE B 280 1.43 -9.48 -32.48
N ALA B 281 0.39 -8.74 -32.82
CA ALA B 281 -0.96 -9.29 -33.08
C ALA B 281 -0.88 -10.26 -34.27
N THR B 282 -0.21 -9.85 -35.36
CA THR B 282 -0.06 -10.62 -36.61
C THR B 282 0.65 -11.94 -36.30
N ALA B 283 1.62 -11.90 -35.38
CA ALA B 283 2.50 -13.04 -35.01
C ALA B 283 1.72 -14.06 -34.16
N ILE B 284 0.76 -13.59 -33.34
CA ILE B 284 -0.16 -14.48 -32.57
C ILE B 284 -1.16 -15.11 -33.56
N ARG B 285 -1.68 -14.36 -34.53
CA ARG B 285 -2.65 -14.85 -35.56
C ARG B 285 -2.00 -15.94 -36.43
N GLN B 286 -0.68 -16.13 -36.33
CA GLN B 286 0.07 -17.11 -37.15
C GLN B 286 0.27 -18.40 -36.36
N GLY B 287 -0.21 -19.52 -36.92
CA GLY B 287 -0.32 -20.84 -36.26
C GLY B 287 -1.34 -20.85 -35.14
#